data_2DWS
#
_entry.id   2DWS
#
_cell.length_a   82.204
_cell.length_b   82.204
_cell.length_c   146.152
_cell.angle_alpha   90.00
_cell.angle_beta   90.00
_cell.angle_gamma   120.00
#
_symmetry.space_group_name_H-M   'H 3'
#
loop_
_entity.id
_entity.type
_entity.pdbx_description
1 polymer 'Copper-containing nitrite reductase'
2 non-polymer 'COPPER (II) ION'
3 non-polymer 'NITRITE ION'
4 water water
#
_entity_poly.entity_id   1
_entity_poly.type   'polypeptide(L)'
_entity_poly.pdbx_seq_one_letter_code
;LPRVKHTLVPPPFAHAHEQVAASGPVINEFEMRIIEKEVQLDEDAYLQAMTFDGSIPGPLMIVHEGDYVELTLINPPENT
MPHNIDFHAATGALGGGGLTLINPGEKVVLRFKATRAGAFVYHCAPGGPMIPWHVVSGMAGCIMVLPRDGLKDHEGKPVR
YDTVYYIGESDHYIPKDEDGTYMRFSDPSEGYEDMVAVMDTLIPSHIVFNGAVGALTGEGALKAKVGDNVLFVHSQPNRD
SRPHLIGGHGDLVWETGKFHNAPERDLETWFIRGGSAGAALYKFLQPGVYAYVNHNLIEAVHKGATAHVLVEGEWDNDLM
EQVVAPVG
;
_entity_poly.pdbx_strand_id   A
#
loop_
_chem_comp.id
_chem_comp.type
_chem_comp.name
_chem_comp.formula
CU non-polymer 'COPPER (II) ION' 'Cu 2'
NO2 non-polymer 'NITRITE ION' 'N O2 -1'
#
# COMPACT_ATOMS: atom_id res chain seq x y z
N LEU A 1 -7.14 27.91 10.51
CA LEU A 1 -7.49 27.04 9.35
C LEU A 1 -8.69 26.11 9.64
N PRO A 2 -9.49 25.80 8.60
CA PRO A 2 -10.57 24.81 8.69
C PRO A 2 -10.01 23.43 9.03
N ARG A 3 -10.74 22.68 9.85
CA ARG A 3 -10.31 21.38 10.29
C ARG A 3 -11.31 20.36 9.76
N VAL A 4 -10.77 19.28 9.19
CA VAL A 4 -11.59 18.25 8.57
C VAL A 4 -11.23 16.93 9.23
N LYS A 5 -12.23 16.31 9.82
CA LYS A 5 -12.03 15.05 10.49
C LYS A 5 -12.38 13.93 9.51
N HIS A 6 -11.46 12.99 9.32
CA HIS A 6 -11.66 11.95 8.30
C HIS A 6 -11.92 10.64 8.99
N THR A 7 -12.70 9.79 8.34
CA THR A 7 -12.89 8.44 8.80
C THR A 7 -12.18 7.51 7.83
N LEU A 8 -11.12 6.88 8.31
CA LEU A 8 -10.34 5.99 7.47
C LEU A 8 -11.14 4.73 7.17
N VAL A 9 -10.86 4.14 6.01
CA VAL A 9 -11.47 2.87 5.67
C VAL A 9 -10.38 1.84 5.35
N PRO A 10 -10.66 0.55 5.57
CA PRO A 10 -9.63 -0.45 5.23
C PRO A 10 -9.22 -0.45 3.75
N PRO A 11 -7.93 -0.68 3.49
CA PRO A 11 -7.47 -0.85 2.11
C PRO A 11 -8.18 -2.08 1.47
N PRO A 12 -8.31 -2.14 0.15
CA PRO A 12 -7.74 -1.28 -0.87
C PRO A 12 -8.57 -0.02 -1.17
N PHE A 13 -9.58 0.24 -0.34
CA PHE A 13 -10.45 1.37 -0.58
C PHE A 13 -9.88 2.61 0.04
N ALA A 14 -10.49 3.74 -0.28
CA ALA A 14 -9.99 5.03 0.22
C ALA A 14 -11.14 5.82 0.84
N HIS A 15 -10.85 6.55 1.91
CA HIS A 15 -11.83 7.42 2.53
C HIS A 15 -12.34 8.46 1.52
N ALA A 16 -13.56 8.96 1.73
CA ALA A 16 -14.11 9.99 0.88
C ALA A 16 -13.14 11.18 0.73
N HIS A 17 -13.03 11.68 -0.48
CA HIS A 17 -12.12 12.80 -0.77
C HIS A 17 -12.55 13.35 -2.11
N GLU A 18 -11.96 14.46 -2.52
CA GLU A 18 -12.10 15.00 -3.87
C GLU A 18 -10.72 15.21 -4.50
N GLN A 19 -10.54 14.80 -5.74
CA GLN A 19 -9.24 14.94 -6.44
C GLN A 19 -8.74 16.36 -6.53
N VAL A 20 -9.64 17.25 -6.94
CA VAL A 20 -9.35 18.67 -6.93
C VAL A 20 -9.83 19.21 -5.58
N ALA A 21 -8.95 19.93 -4.89
CA ALA A 21 -9.26 20.46 -3.58
C ALA A 21 -10.46 21.41 -3.68
N ALA A 22 -11.42 21.22 -2.78
CA ALA A 22 -12.63 22.07 -2.70
C ALA A 22 -12.37 23.37 -1.94
N SER A 23 -11.21 23.46 -1.28
CA SER A 23 -10.90 24.56 -0.40
C SER A 23 -9.44 24.91 -0.55
N GLY A 24 -9.05 26.01 0.09
CA GLY A 24 -7.64 26.31 0.35
C GLY A 24 -7.15 25.42 1.49
N PRO A 25 -5.89 25.58 1.91
CA PRO A 25 -5.35 24.67 2.93
C PRO A 25 -6.24 24.42 4.14
N VAL A 26 -6.26 23.15 4.57
CA VAL A 26 -7.05 22.69 5.72
C VAL A 26 -6.15 21.85 6.61
N ILE A 27 -6.55 21.67 7.87
CA ILE A 27 -5.87 20.76 8.77
C ILE A 27 -6.68 19.48 8.76
N ASN A 28 -6.07 18.41 8.22
CA ASN A 28 -6.71 17.11 8.13
C ASN A 28 -6.46 16.31 9.38
N GLU A 29 -7.54 15.97 10.09
CA GLU A 29 -7.46 15.22 11.31
C GLU A 29 -7.68 13.72 11.06
N PHE A 30 -6.69 12.92 11.45
CA PHE A 30 -6.77 11.46 11.34
C PHE A 30 -6.49 10.87 12.69
N GLU A 31 -7.08 9.69 12.93
CA GLU A 31 -6.79 8.93 14.13
C GLU A 31 -6.55 7.48 13.76
N MET A 32 -5.51 6.88 14.34
CA MET A 32 -5.25 5.46 14.19
C MET A 32 -4.87 4.79 15.49
N ARG A 33 -5.35 3.55 15.62
CA ARG A 33 -5.04 2.70 16.75
C ARG A 33 -4.09 1.58 16.28
N ILE A 34 -3.00 1.39 17.01
CA ILE A 34 -2.07 0.28 16.73
C ILE A 34 -2.59 -1.05 17.28
N ILE A 35 -2.63 -2.07 16.43
CA ILE A 35 -3.11 -3.38 16.82
C ILE A 35 -2.08 -4.45 16.51
N GLU A 36 -1.53 -5.07 17.57
CA GLU A 36 -0.71 -6.27 17.44
C GLU A 36 -1.59 -7.49 17.48
N LYS A 37 -1.43 -8.39 16.50
CA LYS A 37 -2.25 -9.58 16.46
C LYS A 37 -1.68 -10.60 15.47
N GLU A 38 -1.90 -11.87 15.75
CA GLU A 38 -1.51 -12.89 14.78
C GLU A 38 -2.48 -12.80 13.60
N VAL A 39 -1.94 -12.81 12.38
CA VAL A 39 -2.80 -12.82 11.19
C VAL A 39 -2.39 -14.05 10.38
N GLN A 40 -3.33 -14.58 9.61
CA GLN A 40 -3.05 -15.72 8.75
C GLN A 40 -2.69 -15.24 7.33
N LEU A 41 -1.45 -15.46 6.91
CA LEU A 41 -1.00 -15.05 5.56
C LEU A 41 -1.42 -16.02 4.45
N ASP A 42 -1.50 -17.32 4.78
CA ASP A 42 -1.77 -18.35 3.76
C ASP A 42 -2.35 -19.53 4.54
N GLU A 43 -2.74 -20.61 3.85
CA GLU A 43 -3.39 -21.74 4.50
C GLU A 43 -2.55 -22.27 5.65
N ASP A 44 -1.25 -22.37 5.46
CA ASP A 44 -0.36 -22.96 6.46
C ASP A 44 0.56 -21.97 7.20
N ALA A 45 0.27 -20.67 7.09
CA ALA A 45 1.26 -19.67 7.52
C ALA A 45 0.65 -18.51 8.25
N TYR A 46 1.21 -18.21 9.41
CA TYR A 46 0.77 -17.06 10.23
C TYR A 46 1.86 -16.09 10.50
N LEU A 47 1.47 -14.82 10.69
CA LEU A 47 2.40 -13.76 11.04
C LEU A 47 2.02 -13.16 12.36
N GLN A 48 3.00 -12.92 13.22
CA GLN A 48 2.83 -12.06 14.38
C GLN A 48 2.83 -10.59 13.96
N ALA A 49 1.64 -10.09 13.64
CA ALA A 49 1.51 -8.80 12.99
C ALA A 49 1.49 -7.65 13.99
N MET A 50 2.01 -6.52 13.52
CA MET A 50 1.89 -5.23 14.17
C MET A 50 1.34 -4.26 13.12
N THR A 51 0.16 -3.69 13.39
CA THR A 51 -0.54 -2.95 12.36
C THR A 51 -0.96 -1.55 12.82
N PHE A 52 -1.07 -0.66 11.84
CA PHE A 52 -1.80 0.59 12.00
C PHE A 52 -3.28 0.28 11.72
N ASP A 53 -4.13 0.40 12.76
CA ASP A 53 -5.58 0.34 12.55
C ASP A 53 -6.08 -1.05 12.19
N GLY A 54 -5.26 -2.06 12.45
CA GLY A 54 -5.65 -3.48 12.29
C GLY A 54 -5.55 -4.06 10.90
N SER A 55 -5.00 -3.28 9.97
CA SER A 55 -4.91 -3.75 8.57
C SER A 55 -3.45 -3.72 8.12
N ILE A 56 -3.12 -4.63 7.22
CA ILE A 56 -1.88 -4.58 6.43
C ILE A 56 -2.32 -4.41 4.97
N PRO A 57 -1.93 -3.30 4.29
CA PRO A 57 -1.19 -2.16 4.83
C PRO A 57 -2.10 -1.36 5.78
N GLY A 58 -1.52 -0.38 6.46
CA GLY A 58 -2.34 0.61 7.17
C GLY A 58 -3.16 1.36 6.13
N PRO A 59 -4.22 2.03 6.59
CA PRO A 59 -5.17 2.65 5.68
C PRO A 59 -4.57 3.84 4.92
N LEU A 60 -5.15 4.12 3.75
CA LEU A 60 -4.71 5.24 2.94
C LEU A 60 -5.24 6.56 3.51
N MET A 61 -4.36 7.53 3.68
CA MET A 61 -4.76 8.91 3.94
C MET A 61 -4.68 9.74 2.66
N ILE A 62 -5.69 10.56 2.35
CA ILE A 62 -5.65 11.44 1.20
C ILE A 62 -5.81 12.90 1.61
N VAL A 63 -4.82 13.72 1.25
CA VAL A 63 -4.85 15.17 1.53
C VAL A 63 -4.38 15.90 0.25
N HIS A 64 -4.31 17.24 0.30
CA HIS A 64 -3.78 18.05 -0.80
C HIS A 64 -2.55 18.81 -0.41
N GLU A 65 -1.71 19.09 -1.41
CA GLU A 65 -0.43 19.74 -1.22
C GLU A 65 -0.62 21.12 -0.55
N GLY A 66 0.12 21.37 0.51
CA GLY A 66 -0.08 22.59 1.29
C GLY A 66 -1.00 22.44 2.49
N ASP A 67 -1.78 21.35 2.55
CA ASP A 67 -2.60 21.02 3.74
C ASP A 67 -1.67 20.67 4.88
N TYR A 68 -2.22 20.65 6.10
CA TYR A 68 -1.59 20.05 7.26
C TYR A 68 -2.24 18.71 7.58
N VAL A 69 -1.49 17.84 8.27
CA VAL A 69 -1.98 16.51 8.62
C VAL A 69 -1.79 16.43 10.09
N GLU A 70 -2.85 16.12 10.81
CA GLU A 70 -2.72 16.02 12.24
C GLU A 70 -3.17 14.64 12.67
N LEU A 71 -2.19 13.82 13.07
CA LEU A 71 -2.48 12.45 13.44
C LEU A 71 -2.50 12.23 14.95
N THR A 72 -3.63 11.70 15.44
CA THR A 72 -3.69 11.12 16.78
C THR A 72 -3.35 9.64 16.68
N LEU A 73 -2.23 9.26 17.26
CA LEU A 73 -1.78 7.86 17.21
C LEU A 73 -1.89 7.29 18.60
N ILE A 74 -2.59 6.16 18.71
CA ILE A 74 -2.87 5.49 19.98
C ILE A 74 -2.25 4.12 20.01
N ASN A 75 -1.49 3.86 21.07
CA ASN A 75 -0.97 2.52 21.33
C ASN A 75 -1.71 1.95 22.54
N PRO A 76 -2.79 1.18 22.30
CA PRO A 76 -3.64 0.64 23.40
C PRO A 76 -2.84 -0.18 24.39
N PRO A 77 -3.29 -0.25 25.66
CA PRO A 77 -2.53 -0.89 26.74
C PRO A 77 -2.30 -2.38 26.53
N GLU A 78 -3.09 -3.03 25.70
CA GLU A 78 -2.91 -4.46 25.41
C GLU A 78 -1.76 -4.84 24.46
N ASN A 79 -1.15 -3.84 23.81
CA ASN A 79 0.02 -4.11 22.98
C ASN A 79 1.25 -4.31 23.85
N THR A 80 2.30 -4.85 23.27
CA THR A 80 3.41 -5.34 24.06
C THR A 80 4.63 -4.48 23.87
N MET A 81 4.64 -3.64 22.85
CA MET A 81 5.78 -2.76 22.61
C MET A 81 5.52 -1.32 22.22
N PRO A 82 6.57 -0.50 22.29
CA PRO A 82 6.49 0.86 21.82
C PRO A 82 6.40 0.84 20.30
N HIS A 83 5.74 1.85 19.77
CA HIS A 83 5.62 2.08 18.34
C HIS A 83 5.71 3.57 18.08
N ASN A 84 5.97 3.94 16.84
CA ASN A 84 5.90 5.33 16.41
C ASN A 84 5.42 5.41 14.95
N ILE A 85 5.62 6.56 14.30
CA ILE A 85 5.31 6.69 12.88
C ILE A 85 6.24 7.67 12.17
N ASP A 86 6.72 7.25 11.01
CA ASP A 86 7.57 8.06 10.14
C ASP A 86 6.76 8.25 8.88
N PHE A 87 6.43 9.51 8.53
CA PHE A 87 5.75 9.79 7.27
C PHE A 87 6.82 10.23 6.29
N HIS A 88 6.98 9.52 5.17
CA HIS A 88 7.93 9.99 4.18
C HIS A 88 7.42 11.28 3.56
N ALA A 89 6.12 11.58 3.74
CA ALA A 89 5.56 12.83 3.22
C ALA A 89 6.03 14.08 3.99
N ALA A 90 6.56 13.86 5.19
CA ALA A 90 6.85 14.94 6.15
C ALA A 90 8.29 15.35 6.19
N THR A 91 8.55 16.57 6.70
CA THR A 91 9.90 17.10 6.84
C THR A 91 10.30 17.25 8.32
N GLY A 92 11.39 16.59 8.71
CA GLY A 92 11.95 16.74 10.05
C GLY A 92 11.73 15.56 10.98
N ALA A 93 12.56 15.50 12.03
CA ALA A 93 12.42 14.51 13.12
C ALA A 93 12.20 13.08 12.60
N LEU A 94 13.03 12.66 11.66
CA LEU A 94 12.89 11.33 11.06
C LEU A 94 11.46 11.06 10.60
N GLY A 95 10.89 12.02 9.87
CA GLY A 95 9.53 11.88 9.34
C GLY A 95 8.43 11.90 10.39
N GLY A 96 8.79 12.18 11.63
CA GLY A 96 7.81 12.21 12.72
C GLY A 96 8.10 11.12 13.71
N GLY A 97 8.94 10.16 13.33
CA GLY A 97 9.34 9.09 14.24
C GLY A 97 9.92 9.58 15.55
N GLY A 98 10.71 10.65 15.47
CA GLY A 98 11.38 11.23 16.66
C GLY A 98 10.47 11.96 17.62
N LEU A 99 9.20 12.13 17.23
CA LEU A 99 8.20 12.84 18.03
C LEU A 99 6.94 12.02 18.32
N THR A 100 6.96 10.73 17.98
CA THR A 100 5.75 9.91 18.10
C THR A 100 5.96 8.55 18.80
N LEU A 101 7.10 8.37 19.47
CA LEU A 101 7.35 7.10 20.13
C LEU A 101 6.46 6.97 21.35
N ILE A 102 5.55 6.00 21.33
CA ILE A 102 4.58 5.79 22.42
C ILE A 102 4.56 4.35 22.95
N ASN A 103 4.54 4.23 24.27
CA ASN A 103 4.40 2.97 24.98
C ASN A 103 2.96 2.48 24.94
N PRO A 104 2.73 1.17 25.15
CA PRO A 104 1.35 0.77 25.31
C PRO A 104 0.70 1.61 26.42
N GLY A 105 -0.54 2.04 26.22
CA GLY A 105 -1.24 2.88 27.19
C GLY A 105 -0.99 4.36 26.97
N GLU A 106 -0.46 4.73 25.80
CA GLU A 106 -0.18 6.14 25.47
C GLU A 106 -0.67 6.54 24.08
N LYS A 107 -0.89 7.84 23.91
CA LYS A 107 -1.19 8.41 22.61
C LYS A 107 -0.37 9.66 22.40
N VAL A 108 -0.33 10.14 21.15
CA VAL A 108 0.48 11.33 20.82
C VAL A 108 -0.23 12.00 19.68
N VAL A 109 -0.06 13.32 19.54
CA VAL A 109 -0.59 14.01 18.38
C VAL A 109 0.55 14.71 17.66
N LEU A 110 0.72 14.33 16.38
CA LEU A 110 1.72 14.90 15.49
C LEU A 110 1.02 15.73 14.41
N ARG A 111 1.52 16.94 14.17
CA ARG A 111 1.11 17.72 12.98
C ARG A 111 2.31 17.94 12.07
N PHE A 112 2.10 17.80 10.75
CA PHE A 112 3.10 18.19 9.75
C PHE A 112 2.43 18.82 8.54
N LYS A 113 3.18 19.63 7.79
CA LYS A 113 2.70 20.24 6.58
C LYS A 113 3.02 19.32 5.40
N ALA A 114 1.98 18.95 4.65
CA ALA A 114 2.07 18.13 3.45
C ALA A 114 2.59 19.02 2.32
N THR A 115 3.87 19.35 2.37
CA THR A 115 4.47 20.30 1.44
C THR A 115 4.76 19.76 0.05
N ARG A 116 4.66 18.44 -0.14
CA ARG A 116 5.11 17.83 -1.41
C ARG A 116 4.09 16.86 -1.95
N ALA A 117 3.78 16.97 -3.23
CA ALA A 117 2.72 16.16 -3.82
C ALA A 117 3.26 14.77 -4.17
N GLY A 118 2.46 13.75 -3.89
CA GLY A 118 2.89 12.37 -4.23
C GLY A 118 2.23 11.38 -3.29
N ALA A 119 2.35 10.08 -3.64
CA ALA A 119 1.98 8.99 -2.75
C ALA A 119 3.24 8.77 -1.95
N PHE A 120 3.13 8.61 -0.63
CA PHE A 120 4.29 8.40 0.22
C PHE A 120 4.04 7.26 1.18
N VAL A 121 5.09 6.52 1.51
CA VAL A 121 4.97 5.48 2.52
C VAL A 121 4.92 6.18 3.92
N TYR A 122 4.13 5.63 4.87
CA TYR A 122 4.35 5.90 6.29
C TYR A 122 4.61 4.56 6.93
N HIS A 123 5.47 4.53 7.95
CA HIS A 123 5.76 3.25 8.60
C HIS A 123 6.28 3.48 10.01
N CYS A 124 6.19 2.44 10.83
CA CYS A 124 6.74 2.47 12.16
C CYS A 124 8.25 2.30 12.04
N ALA A 125 8.99 2.95 12.93
CA ALA A 125 10.44 2.91 12.90
C ALA A 125 10.98 3.24 14.31
N PRO A 126 10.80 2.32 15.27
CA PRO A 126 11.08 2.71 16.66
C PRO A 126 12.56 2.86 16.99
N GLY A 127 13.47 2.35 16.15
CA GLY A 127 14.89 2.50 16.45
C GLY A 127 15.67 1.19 16.36
N GLY A 128 16.87 1.25 15.78
CA GLY A 128 17.72 0.07 15.59
C GLY A 128 16.98 -1.09 14.91
N PRO A 129 17.26 -2.33 15.36
CA PRO A 129 16.65 -3.55 14.81
C PRO A 129 15.14 -3.51 14.88
N MET A 130 14.59 -2.67 15.76
CA MET A 130 13.13 -2.56 15.77
C MET A 130 12.64 -2.06 14.42
N ILE A 131 13.45 -1.28 13.71
CA ILE A 131 12.93 -0.66 12.49
C ILE A 131 12.46 -1.65 11.41
N PRO A 132 13.39 -2.49 10.87
CA PRO A 132 12.94 -3.45 9.88
C PRO A 132 11.91 -4.42 10.44
N TRP A 133 12.07 -4.77 11.72
CA TRP A 133 11.20 -5.81 12.27
C TRP A 133 9.74 -5.34 12.31
N HIS A 134 9.51 -4.13 12.80
CA HIS A 134 8.13 -3.59 12.79
C HIS A 134 7.56 -3.48 11.39
N VAL A 135 8.40 -3.05 10.47
CA VAL A 135 7.93 -2.86 9.11
C VAL A 135 7.55 -4.23 8.51
N VAL A 136 8.45 -5.21 8.61
CA VAL A 136 8.15 -6.56 8.03
C VAL A 136 7.13 -7.38 8.84
N SER A 137 6.72 -6.81 9.97
CA SER A 137 5.60 -7.39 10.72
C SER A 137 4.29 -6.71 10.31
N GLY A 138 4.37 -5.79 9.34
CA GLY A 138 3.15 -5.21 8.71
C GLY A 138 2.82 -3.74 9.00
N MET A 139 3.74 -3.08 9.69
CA MET A 139 3.48 -1.72 10.18
C MET A 139 3.90 -0.62 9.19
N ALA A 140 3.11 -0.50 8.12
CA ALA A 140 3.34 0.46 7.03
C ALA A 140 2.06 0.67 6.25
N GLY A 141 1.89 1.90 5.78
CA GLY A 141 0.76 2.28 4.95
C GLY A 141 1.19 3.36 3.97
N CYS A 142 0.23 4.19 3.57
CA CYS A 142 0.52 5.19 2.57
C CYS A 142 -0.37 6.40 2.81
N ILE A 143 0.21 7.57 2.55
CA ILE A 143 -0.52 8.82 2.40
C ILE A 143 -0.34 9.40 1.01
N MET A 144 -1.47 9.73 0.37
CA MET A 144 -1.44 10.38 -0.92
C MET A 144 -1.73 11.87 -0.79
N VAL A 145 -0.74 12.69 -1.16
CA VAL A 145 -0.86 14.15 -1.17
C VAL A 145 -1.07 14.59 -2.61
N LEU A 146 -2.29 14.92 -2.98
CA LEU A 146 -2.61 15.29 -4.34
C LEU A 146 -2.31 16.78 -4.57
N PRO A 147 -1.91 17.16 -5.81
CA PRO A 147 -1.76 18.58 -6.12
C PRO A 147 -3.14 19.19 -5.87
N ARG A 148 -3.17 20.42 -5.37
CA ARG A 148 -4.45 21.08 -5.09
C ARG A 148 -5.39 21.06 -6.29
N ASP A 149 -4.83 21.15 -7.50
CA ASP A 149 -5.66 21.20 -8.72
C ASP A 149 -5.79 19.84 -9.40
N GLY A 150 -5.47 18.78 -8.66
CA GLY A 150 -5.62 17.40 -9.11
C GLY A 150 -4.45 16.98 -9.97
N LEU A 151 -4.56 15.80 -10.59
CA LEU A 151 -3.42 15.24 -11.32
C LEU A 151 -3.31 15.85 -12.72
N LYS A 152 -2.10 15.89 -13.23
CA LYS A 152 -1.83 16.34 -14.59
C LYS A 152 -0.97 15.32 -15.33
N ASP A 153 -1.17 15.20 -16.65
CA ASP A 153 -0.42 14.24 -17.43
C ASP A 153 0.94 14.82 -17.88
N HIS A 154 1.63 14.10 -18.74
CA HIS A 154 2.96 14.49 -19.23
C HIS A 154 2.99 15.81 -19.98
N GLU A 155 1.80 16.33 -20.35
CA GLU A 155 1.69 17.56 -21.09
C GLU A 155 1.08 18.67 -20.25
N GLY A 156 0.90 18.37 -18.96
CA GLY A 156 0.37 19.32 -18.00
C GLY A 156 -1.14 19.41 -18.09
N LYS A 157 -1.76 18.46 -18.78
CA LYS A 157 -3.22 18.48 -18.96
C LYS A 157 -3.90 17.75 -17.81
N PRO A 158 -5.10 18.23 -17.38
CA PRO A 158 -5.90 17.50 -16.37
C PRO A 158 -6.09 16.04 -16.69
N VAL A 159 -5.96 15.19 -15.67
CA VAL A 159 -6.34 13.79 -15.82
C VAL A 159 -7.16 13.44 -14.56
N ARG A 160 -8.32 12.84 -14.76
CA ARG A 160 -9.19 12.57 -13.64
C ARG A 160 -9.35 11.07 -13.52
N TYR A 161 -9.24 10.55 -12.31
CA TYR A 161 -9.56 9.13 -12.10
C TYR A 161 -11.00 8.94 -11.61
N ASP A 162 -11.59 7.82 -12.02
CA ASP A 162 -12.92 7.43 -11.57
C ASP A 162 -12.85 6.63 -10.27
N THR A 163 -11.76 5.89 -10.07
CA THR A 163 -11.60 5.04 -8.91
C THR A 163 -10.13 5.05 -8.52
N VAL A 164 -9.85 5.08 -7.23
CA VAL A 164 -8.49 4.82 -6.71
C VAL A 164 -8.48 3.53 -5.87
N TYR A 165 -7.46 2.69 -6.07
CA TYR A 165 -7.29 1.55 -5.20
C TYR A 165 -5.90 1.63 -4.65
N TYR A 166 -5.77 1.34 -3.37
CA TYR A 166 -4.48 1.32 -2.72
C TYR A 166 -4.07 -0.15 -2.53
N ILE A 167 -3.07 -0.55 -3.31
CA ILE A 167 -2.47 -1.89 -3.19
C ILE A 167 -1.19 -1.82 -2.33
N GLY A 168 -1.24 -2.31 -1.09
CA GLY A 168 -0.05 -2.34 -0.24
C GLY A 168 0.58 -3.70 -0.40
N GLU A 169 1.82 -3.71 -0.89
CA GLU A 169 2.58 -4.96 -0.99
C GLU A 169 3.55 -5.02 0.20
N SER A 170 3.63 -6.20 0.84
CA SER A 170 4.49 -6.36 2.00
C SER A 170 5.19 -7.68 1.92
N ASP A 171 6.49 -7.64 2.23
CA ASP A 171 7.32 -8.83 2.35
C ASP A 171 7.38 -9.26 3.80
N HIS A 172 7.33 -10.58 4.02
CA HIS A 172 7.35 -11.17 5.36
C HIS A 172 8.30 -12.36 5.39
N TYR A 173 8.72 -12.73 6.61
CA TYR A 173 9.89 -13.63 6.80
C TYR A 173 9.51 -14.65 7.89
N ILE A 174 8.58 -15.54 7.56
CA ILE A 174 8.03 -16.46 8.58
C ILE A 174 9.01 -17.63 8.67
N PRO A 175 9.50 -17.90 9.90
CA PRO A 175 10.40 -19.03 10.09
C PRO A 175 9.70 -20.40 10.07
N LYS A 176 10.48 -21.43 9.79
CA LYS A 176 10.02 -22.81 9.72
C LYS A 176 10.70 -23.64 10.80
N ASP A 177 9.98 -24.64 11.31
CA ASP A 177 10.60 -25.57 12.26
C ASP A 177 11.37 -26.65 11.48
N GLU A 178 12.00 -27.59 12.19
CA GLU A 178 12.80 -28.67 11.60
C GLU A 178 12.01 -29.48 10.60
N ASP A 179 10.70 -29.61 10.83
CA ASP A 179 9.82 -30.37 9.93
C ASP A 179 9.38 -29.59 8.69
N GLY A 180 9.85 -28.34 8.57
CA GLY A 180 9.55 -27.51 7.41
C GLY A 180 8.20 -26.86 7.50
N THR A 181 7.57 -26.92 8.65
CA THR A 181 6.27 -26.28 8.81
C THR A 181 6.52 -24.89 9.37
N TYR A 182 5.72 -23.92 8.95
CA TYR A 182 5.87 -22.55 9.45
C TYR A 182 5.54 -22.51 10.92
N MET A 183 6.31 -21.73 11.68
CA MET A 183 6.22 -21.69 13.13
C MET A 183 5.15 -20.72 13.58
N ARG A 184 4.56 -20.99 14.74
CA ARG A 184 3.58 -20.06 15.33
C ARG A 184 4.02 -19.75 16.73
N PHE A 185 3.73 -18.54 17.21
CA PHE A 185 4.24 -18.04 18.49
C PHE A 185 3.11 -17.44 19.34
N SER A 186 3.37 -17.25 20.64
CA SER A 186 2.37 -16.63 21.50
C SER A 186 2.23 -15.16 21.19
N ASP A 187 3.36 -14.51 20.83
CA ASP A 187 3.39 -13.07 20.56
C ASP A 187 4.59 -12.67 19.68
N PRO A 188 4.68 -11.37 19.30
CA PRO A 188 5.78 -11.02 18.38
C PRO A 188 7.17 -11.29 18.95
N SER A 189 7.38 -10.98 20.22
CA SER A 189 8.70 -11.13 20.82
C SER A 189 9.17 -12.57 20.86
N GLU A 190 8.25 -13.52 21.08
CA GLU A 190 8.62 -14.92 21.15
C GLU A 190 9.08 -15.43 19.78
N GLY A 191 8.62 -14.76 18.72
CA GLY A 191 8.99 -15.13 17.34
C GLY A 191 10.16 -14.38 16.71
N TYR A 192 10.70 -13.41 17.45
CA TYR A 192 11.69 -12.48 16.92
C TYR A 192 12.98 -13.13 16.45
N GLU A 193 13.65 -13.88 17.32
CA GLU A 193 14.94 -14.43 16.92
C GLU A 193 14.82 -15.40 15.73
N ASP A 194 13.75 -16.17 15.69
CA ASP A 194 13.55 -17.06 14.53
C ASP A 194 13.30 -16.27 13.24
N MET A 195 12.56 -15.17 13.37
CA MET A 195 12.27 -14.30 12.22
C MET A 195 13.52 -13.55 11.74
N VAL A 196 14.34 -13.08 12.67
CA VAL A 196 15.61 -12.47 12.30
C VAL A 196 16.47 -13.34 11.40
N ALA A 197 16.61 -14.63 11.71
CA ALA A 197 17.39 -15.52 10.84
C ALA A 197 16.89 -15.55 9.38
N VAL A 198 15.58 -15.51 9.20
CA VAL A 198 14.98 -15.51 7.88
C VAL A 198 15.20 -14.16 7.23
N MET A 199 15.00 -13.09 8.01
CA MET A 199 15.32 -11.75 7.50
C MET A 199 16.73 -11.63 6.95
N ASP A 200 17.70 -12.18 7.66
CA ASP A 200 19.11 -12.07 7.23
C ASP A 200 19.42 -12.73 5.90
N THR A 201 18.58 -13.67 5.48
CA THR A 201 18.74 -14.25 4.13
C THR A 201 18.22 -13.30 3.04
N LEU A 202 17.39 -12.33 3.43
CA LEU A 202 16.73 -11.41 2.50
C LEU A 202 15.72 -12.08 1.55
N ILE A 203 15.35 -13.31 1.86
CA ILE A 203 14.34 -14.03 1.08
C ILE A 203 13.02 -14.06 1.82
N PRO A 204 12.01 -13.36 1.29
CA PRO A 204 10.70 -13.44 1.95
C PRO A 204 10.09 -14.81 1.84
N SER A 205 9.38 -15.21 2.89
CA SER A 205 8.61 -16.42 2.81
C SER A 205 7.30 -16.12 2.07
N HIS A 206 6.86 -14.88 2.17
CA HIS A 206 5.59 -14.42 1.60
C HIS A 206 5.75 -12.97 1.15
N ILE A 207 5.05 -12.63 0.07
CA ILE A 207 5.00 -11.26 -0.46
C ILE A 207 3.55 -11.11 -0.88
N VAL A 208 2.81 -10.26 -0.19
CA VAL A 208 1.34 -10.23 -0.31
C VAL A 208 0.80 -8.85 -0.58
N PHE A 209 -0.38 -8.80 -1.20
CA PHE A 209 -1.12 -7.55 -1.32
C PHE A 209 -2.23 -7.56 -0.29
N ASN A 210 -2.44 -6.42 0.35
CA ASN A 210 -3.55 -6.31 1.34
C ASN A 210 -3.50 -7.39 2.41
N GLY A 211 -2.28 -7.77 2.77
CA GLY A 211 -2.07 -8.48 4.01
C GLY A 211 -2.20 -9.98 4.00
N ALA A 212 -2.55 -10.58 2.86
CA ALA A 212 -2.61 -12.05 2.82
C ALA A 212 -2.54 -12.58 1.41
N VAL A 213 -2.10 -13.82 1.26
CA VAL A 213 -2.18 -14.45 -0.05
C VAL A 213 -3.65 -14.46 -0.45
N GLY A 214 -3.94 -14.05 -1.68
CA GLY A 214 -5.32 -14.06 -2.20
C GLY A 214 -6.29 -13.03 -1.64
N ALA A 215 -5.81 -12.10 -0.80
CA ALA A 215 -6.64 -11.05 -0.24
C ALA A 215 -7.41 -10.27 -1.29
N LEU A 216 -6.78 -9.98 -2.43
CA LEU A 216 -7.42 -9.18 -3.49
C LEU A 216 -7.85 -10.05 -4.66
N THR A 217 -8.33 -11.24 -4.36
CA THR A 217 -8.85 -12.17 -5.38
C THR A 217 -10.15 -12.71 -4.79
N GLY A 218 -10.94 -13.44 -5.58
CA GLY A 218 -12.22 -13.98 -5.09
C GLY A 218 -13.12 -12.83 -4.68
N GLU A 219 -13.63 -12.88 -3.44
CA GLU A 219 -14.50 -11.82 -2.94
C GLU A 219 -13.79 -10.50 -2.87
N GLY A 220 -12.47 -10.55 -2.73
CA GLY A 220 -11.68 -9.32 -2.58
C GLY A 220 -11.15 -8.75 -3.89
N ALA A 221 -11.51 -9.37 -5.02
CA ALA A 221 -11.09 -8.84 -6.34
C ALA A 221 -11.49 -7.37 -6.50
N LEU A 222 -10.62 -6.57 -7.12
CA LEU A 222 -10.91 -5.19 -7.48
C LEU A 222 -11.95 -5.16 -8.62
N LYS A 223 -12.73 -4.10 -8.67
CA LYS A 223 -13.82 -4.04 -9.64
C LYS A 223 -13.71 -2.81 -10.49
N ALA A 224 -13.99 -2.96 -11.78
CA ALA A 224 -14.07 -1.81 -12.64
C ALA A 224 -14.96 -2.11 -13.81
N LYS A 225 -15.15 -1.12 -14.68
CA LYS A 225 -15.79 -1.36 -15.96
C LYS A 225 -15.02 -0.68 -17.09
N VAL A 226 -15.22 -1.20 -18.30
CA VAL A 226 -14.66 -0.58 -19.49
C VAL A 226 -14.98 0.91 -19.47
N GLY A 227 -13.95 1.71 -19.68
CA GLY A 227 -14.06 3.15 -19.68
C GLY A 227 -13.62 3.81 -18.41
N ASP A 228 -13.59 3.07 -17.29
CA ASP A 228 -13.13 3.60 -16.02
C ASP A 228 -11.61 3.91 -16.10
N ASN A 229 -11.22 5.11 -15.65
CA ASN A 229 -9.81 5.45 -15.44
C ASN A 229 -9.49 5.11 -14.00
N VAL A 230 -8.61 4.14 -13.75
CA VAL A 230 -8.40 3.67 -12.36
C VAL A 230 -6.96 3.99 -11.95
N LEU A 231 -6.80 4.66 -10.81
CA LEU A 231 -5.50 4.92 -10.21
C LEU A 231 -5.13 3.77 -9.27
N PHE A 232 -3.99 3.12 -9.57
CA PHE A 232 -3.43 2.09 -8.70
C PHE A 232 -2.24 2.66 -7.96
N VAL A 233 -2.43 2.89 -6.66
CA VAL A 233 -1.40 3.41 -5.77
C VAL A 233 -0.78 2.20 -5.11
N HIS A 234 0.53 2.05 -5.22
CA HIS A 234 1.13 0.78 -4.85
C HIS A 234 2.31 1.09 -3.93
N SER A 235 2.29 0.57 -2.71
CA SER A 235 3.39 0.83 -1.78
C SER A 235 4.23 -0.41 -1.54
N GLN A 236 5.50 -0.23 -1.22
CA GLN A 236 6.32 -1.34 -0.74
C GLN A 236 7.35 -0.70 0.16
N PRO A 237 7.18 -0.85 1.51
CA PRO A 237 7.99 -0.11 2.44
C PRO A 237 9.38 -0.70 2.67
N ASN A 238 9.69 -1.88 2.15
CA ASN A 238 10.96 -2.56 2.52
C ASN A 238 11.72 -3.20 1.36
N ARG A 239 11.03 -3.46 0.26
CA ARG A 239 11.64 -4.31 -0.81
C ARG A 239 11.08 -3.87 -2.17
N ASP A 240 11.85 -4.03 -3.25
CA ASP A 240 11.36 -3.58 -4.56
C ASP A 240 10.20 -4.42 -5.07
N SER A 241 9.36 -3.84 -5.93
CA SER A 241 8.34 -4.63 -6.64
C SER A 241 8.32 -4.17 -8.09
N ARG A 242 7.71 -4.97 -8.95
CA ARG A 242 7.65 -4.63 -10.36
C ARG A 242 6.23 -4.89 -10.86
N PRO A 243 5.30 -3.98 -10.54
CA PRO A 243 3.88 -4.18 -10.90
C PRO A 243 3.59 -4.25 -12.39
N HIS A 244 2.59 -5.05 -12.74
CA HIS A 244 2.21 -5.28 -14.13
C HIS A 244 0.72 -5.58 -14.06
N LEU A 245 -0.04 -4.97 -14.95
CA LEU A 245 -1.47 -5.29 -15.07
C LEU A 245 -1.59 -6.19 -16.31
N ILE A 246 -1.84 -7.48 -16.07
CA ILE A 246 -1.83 -8.49 -17.15
C ILE A 246 -3.02 -8.24 -18.05
N GLY A 247 -2.76 -8.00 -19.33
CA GLY A 247 -3.83 -7.69 -20.29
C GLY A 247 -4.07 -6.19 -20.40
N GLY A 248 -3.34 -5.43 -19.59
CA GLY A 248 -3.42 -3.96 -19.60
C GLY A 248 -2.04 -3.33 -19.69
N HIS A 249 -1.97 -2.07 -19.25
CA HIS A 249 -0.78 -1.23 -19.33
C HIS A 249 -0.87 -0.19 -18.24
N GLY A 250 0.25 0.51 -18.03
CA GLY A 250 0.22 1.76 -17.26
C GLY A 250 0.05 2.89 -18.28
N ASP A 251 -1.13 3.51 -18.34
CA ASP A 251 -1.33 4.60 -19.31
C ASP A 251 -0.48 5.79 -18.92
N LEU A 252 -0.50 6.13 -17.64
CA LEU A 252 0.33 7.20 -17.09
C LEU A 252 0.92 6.66 -15.81
N VAL A 253 2.25 6.63 -15.72
CA VAL A 253 2.89 6.01 -14.56
C VAL A 253 3.89 6.94 -13.87
N TRP A 254 3.69 7.15 -12.57
CA TRP A 254 4.68 7.85 -11.77
C TRP A 254 5.33 6.76 -10.92
N GLU A 255 6.34 6.07 -11.43
CA GLU A 255 6.80 4.90 -10.67
C GLU A 255 7.47 5.33 -9.37
N THR A 256 8.10 6.51 -9.35
CA THR A 256 8.69 7.04 -8.11
C THR A 256 7.64 7.78 -7.27
N GLY A 257 6.42 7.93 -7.80
CA GLY A 257 5.26 8.26 -6.99
C GLY A 257 5.01 9.73 -6.70
N LYS A 258 5.71 10.62 -7.39
CA LYS A 258 5.62 12.06 -7.02
C LYS A 258 5.07 12.89 -8.18
N PHE A 259 3.90 13.47 -7.93
CA PHE A 259 3.00 13.89 -8.99
C PHE A 259 3.42 15.08 -9.85
N HIS A 260 4.37 15.87 -9.38
CA HIS A 260 4.91 16.96 -10.19
C HIS A 260 5.96 16.52 -11.22
N ASN A 261 6.41 15.27 -11.12
CA ASN A 261 7.28 14.70 -12.16
C ASN A 261 6.46 14.17 -13.29
N ALA A 262 6.94 14.33 -14.52
CA ALA A 262 6.14 13.89 -15.68
C ALA A 262 6.02 12.36 -15.58
N PRO A 263 4.81 11.85 -15.81
CA PRO A 263 4.65 10.37 -15.84
C PRO A 263 5.11 9.80 -17.15
N GLU A 264 5.56 8.54 -17.13
CA GLU A 264 5.74 7.78 -18.35
C GLU A 264 4.44 7.15 -18.85
N ARG A 265 4.41 6.81 -20.13
CA ARG A 265 3.22 6.27 -20.80
C ARG A 265 3.49 4.88 -21.33
N ASP A 266 2.39 4.11 -21.45
CA ASP A 266 2.36 2.87 -22.20
C ASP A 266 3.21 1.76 -21.55
N LEU A 267 3.40 1.82 -20.25
CA LEU A 267 4.31 0.85 -19.61
C LEU A 267 3.70 -0.54 -19.53
N GLU A 268 4.52 -1.57 -19.76
CA GLU A 268 4.07 -2.94 -19.54
C GLU A 268 4.23 -3.29 -18.06
N THR A 269 5.37 -2.90 -17.49
CA THR A 269 5.74 -3.20 -16.10
C THR A 269 6.46 -1.97 -15.54
N TRP A 270 6.20 -1.61 -14.30
CA TRP A 270 6.90 -0.48 -13.73
C TRP A 270 7.59 -0.92 -12.43
N PHE A 271 8.21 0.01 -11.71
CA PHE A 271 9.12 -0.39 -10.64
C PHE A 271 8.83 0.45 -9.41
N ILE A 272 8.51 -0.23 -8.31
CA ILE A 272 8.34 0.42 -7.04
C ILE A 272 9.58 0.14 -6.19
N ARG A 273 10.34 1.17 -5.83
CA ARG A 273 11.54 1.00 -4.99
C ARG A 273 11.09 0.68 -3.57
N GLY A 274 11.73 -0.30 -2.94
CA GLY A 274 11.42 -0.57 -1.52
C GLY A 274 11.64 0.70 -0.77
N GLY A 275 10.70 1.04 0.12
CA GLY A 275 10.72 2.35 0.81
C GLY A 275 9.94 3.43 0.07
N SER A 276 9.01 3.05 -0.82
CA SER A 276 8.28 4.08 -1.56
C SER A 276 6.90 3.65 -2.02
N ALA A 277 6.10 4.64 -2.47
CA ALA A 277 4.85 4.34 -3.19
C ALA A 277 4.94 4.98 -4.57
N GLY A 278 4.38 4.26 -5.55
CA GLY A 278 4.20 4.70 -6.93
C GLY A 278 2.73 4.71 -7.29
N ALA A 279 2.40 5.20 -8.46
CA ALA A 279 1.02 5.28 -8.88
C ALA A 279 0.99 5.13 -10.38
N ALA A 280 -0.06 4.46 -10.86
CA ALA A 280 -0.29 4.24 -12.27
C ALA A 280 -1.77 4.36 -12.56
N LEU A 281 -2.10 5.06 -13.65
CA LEU A 281 -3.48 5.19 -14.11
C LEU A 281 -3.65 4.31 -15.31
N TYR A 282 -4.77 3.59 -15.37
CA TYR A 282 -5.13 2.86 -16.59
C TYR A 282 -6.59 3.04 -16.88
N LYS A 283 -6.92 3.24 -18.14
CA LYS A 283 -8.34 3.31 -18.53
C LYS A 283 -8.65 1.98 -19.17
N PHE A 284 -9.58 1.25 -18.58
CA PHE A 284 -9.93 -0.07 -19.09
C PHE A 284 -10.62 -0.03 -20.43
N LEU A 285 -10.22 -0.96 -21.30
CA LEU A 285 -10.65 -0.96 -22.68
C LEU A 285 -11.34 -2.25 -23.01
N GLN A 286 -10.97 -3.32 -22.31
CA GLN A 286 -11.59 -4.62 -22.52
C GLN A 286 -12.20 -5.12 -21.23
N PRO A 287 -13.37 -5.80 -21.33
CA PRO A 287 -13.89 -6.44 -20.14
C PRO A 287 -13.13 -7.74 -19.81
N GLY A 288 -13.42 -8.30 -18.63
CA GLY A 288 -12.86 -9.59 -18.26
C GLY A 288 -12.05 -9.59 -16.98
N VAL A 289 -11.29 -10.66 -16.77
CA VAL A 289 -10.40 -10.73 -15.61
C VAL A 289 -9.00 -10.24 -15.98
N TYR A 290 -8.44 -9.45 -15.07
CA TYR A 290 -7.07 -8.96 -15.15
C TYR A 290 -6.37 -9.44 -13.89
N ALA A 291 -5.08 -9.72 -13.99
CA ALA A 291 -4.34 -9.94 -12.76
C ALA A 291 -3.40 -8.74 -12.63
N TYR A 292 -3.27 -8.23 -11.42
CA TYR A 292 -2.27 -7.21 -11.10
C TYR A 292 -1.25 -7.98 -10.26
N VAL A 293 -0.01 -8.00 -10.71
CA VAL A 293 1.01 -8.85 -10.11
C VAL A 293 2.33 -8.12 -9.95
N ASN A 294 3.14 -8.60 -9.03
CA ASN A 294 4.58 -8.33 -9.02
C ASN A 294 5.16 -9.26 -10.10
N HIS A 295 5.77 -8.68 -11.14
CA HIS A 295 6.20 -9.49 -12.25
C HIS A 295 7.55 -10.21 -12.14
N ASN A 296 8.06 -10.38 -10.92
CA ASN A 296 8.83 -11.59 -10.67
C ASN A 296 7.75 -12.66 -10.43
N LEU A 297 7.54 -13.53 -11.41
CA LEU A 297 6.37 -14.42 -11.37
C LEU A 297 6.42 -15.42 -10.20
N ILE A 298 7.64 -15.74 -9.74
CA ILE A 298 7.79 -16.54 -8.53
C ILE A 298 7.23 -15.76 -7.33
N GLU A 299 7.57 -14.47 -7.27
CA GLU A 299 6.98 -13.66 -6.22
C GLU A 299 5.45 -13.55 -6.37
N ALA A 300 4.99 -13.40 -7.62
CA ALA A 300 3.55 -13.31 -7.92
C ALA A 300 2.77 -14.55 -7.46
N VAL A 301 3.30 -15.72 -7.82
CA VAL A 301 2.56 -16.95 -7.68
C VAL A 301 2.97 -17.75 -6.45
N HIS A 302 4.28 -17.98 -6.27
CA HIS A 302 4.71 -18.80 -5.15
C HIS A 302 4.62 -18.02 -3.85
N LYS A 303 4.97 -16.73 -3.88
CA LYS A 303 5.07 -15.94 -2.63
C LYS A 303 3.79 -15.20 -2.26
N GLY A 304 2.95 -14.91 -3.26
CA GLY A 304 1.58 -14.41 -3.00
C GLY A 304 1.21 -13.06 -3.60
N ALA A 305 2.08 -12.49 -4.45
CA ALA A 305 1.89 -11.13 -4.95
C ALA A 305 1.00 -11.08 -6.23
N THR A 306 -0.24 -11.55 -6.07
CA THR A 306 -1.22 -11.50 -7.16
C THR A 306 -2.55 -10.92 -6.72
N ALA A 307 -3.05 -9.93 -7.44
CA ALA A 307 -4.42 -9.45 -7.22
C ALA A 307 -5.19 -9.59 -8.51
N HIS A 308 -6.52 -9.61 -8.39
CA HIS A 308 -7.37 -9.67 -9.58
C HIS A 308 -8.20 -8.41 -9.70
N VAL A 309 -8.45 -8.03 -10.96
CA VAL A 309 -9.43 -6.98 -11.30
C VAL A 309 -10.47 -7.59 -12.21
N LEU A 310 -11.74 -7.41 -11.84
CA LEU A 310 -12.83 -7.97 -12.63
C LEU A 310 -13.53 -6.83 -13.36
N VAL A 311 -13.56 -6.87 -14.68
CA VAL A 311 -13.96 -5.68 -15.44
C VAL A 311 -15.21 -5.98 -16.29
N GLU A 312 -16.28 -5.21 -16.03
CA GLU A 312 -17.54 -5.34 -16.83
C GLU A 312 -17.45 -4.56 -18.13
N GLY A 313 -18.24 -4.95 -19.12
CA GLY A 313 -18.28 -4.14 -20.34
C GLY A 313 -18.31 -4.99 -21.58
N GLU A 314 -18.16 -4.36 -22.75
CA GLU A 314 -18.27 -5.10 -23.99
C GLU A 314 -16.91 -5.33 -24.59
N TRP A 315 -16.73 -6.54 -25.12
CA TRP A 315 -15.48 -6.93 -25.79
C TRP A 315 -15.31 -6.20 -27.13
N ASP A 316 -14.07 -5.79 -27.43
CA ASP A 316 -13.73 -5.12 -28.68
C ASP A 316 -12.78 -6.01 -29.48
N ASN A 317 -13.33 -6.63 -30.52
CA ASN A 317 -12.57 -7.53 -31.39
C ASN A 317 -11.49 -6.85 -32.23
N ASP A 318 -11.60 -5.54 -32.40
CA ASP A 318 -10.55 -4.82 -33.12
C ASP A 318 -9.25 -4.80 -32.28
N LEU A 319 -9.39 -4.75 -30.97
CA LEU A 319 -8.20 -4.79 -30.10
C LEU A 319 -7.61 -6.17 -30.04
N MET A 320 -8.49 -7.18 -29.96
CA MET A 320 -8.07 -8.56 -29.87
C MET A 320 -9.18 -9.53 -30.26
N GLU A 321 -8.82 -10.55 -31.02
CA GLU A 321 -9.81 -11.53 -31.42
C GLU A 321 -9.15 -12.87 -31.60
N GLN A 322 -9.83 -13.94 -31.15
CA GLN A 322 -9.37 -15.29 -31.43
C GLN A 322 -9.88 -15.66 -32.81
N VAL A 323 -9.01 -15.57 -33.79
CA VAL A 323 -9.35 -15.76 -35.20
C VAL A 323 -9.66 -17.23 -35.47
N VAL A 324 -8.86 -18.13 -34.90
CA VAL A 324 -9.13 -19.57 -35.01
C VAL A 324 -9.04 -20.20 -33.64
N ALA A 325 -10.14 -20.72 -33.12
CA ALA A 325 -10.14 -21.41 -31.84
C ALA A 325 -9.22 -22.64 -31.90
N PRO A 326 -8.63 -23.04 -30.74
CA PRO A 326 -7.82 -24.26 -30.67
C PRO A 326 -8.42 -25.40 -31.48
N VAL A 327 -7.61 -25.96 -32.37
CA VAL A 327 -8.03 -27.00 -33.32
C VAL A 327 -6.85 -27.97 -33.53
N GLY A 328 -7.15 -29.20 -33.95
CA GLY A 328 -6.12 -30.18 -34.29
C GLY A 328 -5.26 -29.78 -35.47
CU CU B . 5.68 -0.51 15.50
CU CU C . 11.20 5.14 5.73
N NO2 D . 1.34 -11.75 -16.99
O1 NO2 D . 2.53 -12.26 -16.36
O2 NO2 D . 1.68 -10.86 -18.05
#